data_3SM0
#
_entry.id   3SM0
#
_cell.length_a   90.950
_cell.length_b   64.926
_cell.length_c   71.229
_cell.angle_alpha   90.00
_cell.angle_beta   96.37
_cell.angle_gamma   90.00
#
_symmetry.space_group_name_H-M   'C 1 2 1'
#
loop_
_entity.id
_entity.type
_entity.pdbx_description
1 polymer 'Queuine tRNA-ribosyltransferase'
2 non-polymer 'ZINC ION'
3 non-polymer 4-{2-[(cyclopentylmethyl)amino]ethyl}-2-(methylamino)-3,7-dihydro-8H-imidazo[4,5-g]quinazolin-8-one
4 non-polymer GLYCEROL
5 water water
#
_entity_poly.entity_id   1
_entity_poly.type   'polypeptide(L)'
_entity_poly.pdbx_seq_one_letter_code
;MVEATAQETDRPRFSFSIAAREGKARTGTIEMKRGVIRTPAFMPVGTAATVKALKPETVRATGADIILGNTYHLMLRPGA
ERIAKLGGLHSFMGWDRPILTDSGGYQVMSLSSLTKQSEEGVTFKSHLDGSRHMLSPERSIEIQHLLGSDIVMAFDECTP
YPATPSRAASSMERSMRWAKRSRDAFDSRKEQAENAALFGIQQGSVFENLRQQSADALAEIGFDGYAVGGLAVGEGQDEM
FRVLDFSVPMLPDDKPHYLMGVGKPDDIVGAVERGIDMFDCVLPTRSGRNGQAFTWDGPINIRNARFSEDLKPLDSECHC
AVCQKWSRAYIHHLIRAGEILGAMLMTEHNIAFYQQLMQKIRDSISEGRFSQFAQDFRARYFARNS
;
_entity_poly.pdbx_strand_id   A
#
loop_
_chem_comp.id
_chem_comp.type
_chem_comp.name
_chem_comp.formula
AEK non-polymer 4-{2-[(cyclopentylmethyl)amino]ethyl}-2-(methylamino)-3,7-dihydro-8H-imidazo[4,5-g]quinazolin-8-one 'C18 H24 N6 O'
GOL non-polymer GLYCEROL 'C3 H8 O3'
ZN non-polymer 'ZINC ION' 'Zn 2'
#
# COMPACT_ATOMS: atom_id res chain seq x y z
N ARG A 11 10.19 2.90 -21.84
CA ARG A 11 10.20 3.37 -20.47
C ARG A 11 11.48 2.96 -19.75
N PRO A 12 11.85 3.80 -18.79
CA PRO A 12 12.99 3.51 -17.93
C PRO A 12 12.66 2.47 -16.87
N ARG A 13 13.72 1.96 -16.24
CA ARG A 13 13.56 1.08 -15.09
C ARG A 13 12.74 1.76 -14.01
N PHE A 14 13.08 3.00 -13.70
CA PHE A 14 12.41 3.77 -12.66
C PHE A 14 12.66 5.27 -12.84
N SER A 15 11.61 6.06 -12.97
CA SER A 15 11.77 7.52 -12.93
CA SER A 15 11.70 7.50 -13.02
C SER A 15 10.55 8.14 -12.25
N PHE A 16 10.82 8.89 -11.21
CA PHE A 16 9.77 9.66 -10.51
C PHE A 16 9.88 11.14 -10.85
N SER A 17 8.79 11.68 -11.31
CA SER A 17 8.67 13.07 -11.71
CA SER A 17 8.73 13.09 -11.65
C SER A 17 7.57 13.78 -10.93
N ILE A 18 7.89 14.94 -10.36
CA ILE A 18 6.87 15.71 -9.68
C ILE A 18 6.38 16.83 -10.61
N ALA A 19 5.08 16.80 -10.91
CA ALA A 19 4.47 17.70 -11.87
C ALA A 19 3.91 18.92 -11.16
N ALA A 20 3.48 18.73 -9.93
CA ALA A 20 2.90 19.84 -9.18
C ALA A 20 2.95 19.64 -7.67
N ARG A 21 2.99 20.76 -6.96
CA ARG A 21 3.07 20.81 -5.52
CA ARG A 21 3.06 20.78 -5.50
C ARG A 21 2.12 21.78 -4.85
N GLU A 22 1.71 21.47 -3.63
CA GLU A 22 0.93 22.36 -2.78
C GLU A 22 1.33 22.11 -1.33
N GLY A 23 2.06 23.07 -0.73
CA GLY A 23 2.65 22.78 0.57
C GLY A 23 3.56 21.56 0.47
N LYS A 24 3.35 20.60 1.38
CA LYS A 24 4.15 19.38 1.35
C LYS A 24 3.56 18.33 0.40
N ALA A 25 2.34 18.55 -0.11
CA ALA A 25 1.76 17.60 -1.05
C ALA A 25 2.36 17.72 -2.44
N ARG A 26 2.47 16.57 -3.11
CA ARG A 26 3.01 16.43 -4.43
C ARG A 26 2.13 15.51 -5.30
N THR A 27 2.15 15.85 -6.59
CA THR A 27 1.53 14.97 -7.59
C THR A 27 2.48 14.80 -8.74
N GLY A 28 2.53 13.59 -9.29
CA GLY A 28 3.43 13.23 -10.36
C GLY A 28 3.25 11.83 -10.90
N THR A 29 4.32 11.28 -11.42
CA THR A 29 4.24 9.95 -12.02
C THR A 29 5.53 9.20 -11.70
N ILE A 30 5.38 7.90 -11.55
CA ILE A 30 6.51 6.97 -11.55
C ILE A 30 6.43 6.21 -12.87
N GLU A 31 7.43 6.28 -13.72
CA GLU A 31 7.53 5.50 -14.92
C GLU A 31 8.39 4.25 -14.68
N MET A 32 7.88 3.11 -15.04
CA MET A 32 8.57 1.82 -14.98
C MET A 32 8.37 1.07 -16.28
N LYS A 33 9.12 -0.02 -16.43
CA LYS A 33 9.02 -0.77 -17.68
C LYS A 33 7.60 -1.26 -17.92
N ARG A 34 6.87 -1.68 -16.90
CA ARG A 34 5.53 -2.27 -17.10
CA ARG A 34 5.53 -2.27 -17.10
C ARG A 34 4.42 -1.24 -17.08
N GLY A 35 4.77 0.04 -16.89
CA GLY A 35 3.78 1.08 -16.92
C GLY A 35 4.01 2.28 -16.03
N VAL A 36 3.06 3.21 -16.16
CA VAL A 36 3.11 4.46 -15.39
C VAL A 36 2.16 4.41 -14.22
N ILE A 37 2.65 4.94 -13.11
CA ILE A 37 1.95 5.05 -11.83
C ILE A 37 1.72 6.52 -11.47
N ARG A 38 0.47 6.88 -11.39
CA ARG A 38 0.07 8.22 -11.04
C ARG A 38 0.12 8.39 -9.53
N THR A 39 0.78 9.42 -9.05
CA THR A 39 0.91 9.69 -7.64
C THR A 39 0.22 10.98 -7.18
N PRO A 40 -0.35 11.06 -5.98
CA PRO A 40 -0.44 9.98 -4.97
C PRO A 40 -1.29 8.79 -5.42
N ALA A 41 -0.75 7.64 -5.05
CA ALA A 41 -1.27 6.35 -5.51
C ALA A 41 -1.83 5.50 -4.38
N PHE A 42 -2.95 4.81 -4.64
CA PHE A 42 -3.44 3.76 -3.76
C PHE A 42 -3.20 2.42 -4.47
N MET A 43 -2.51 1.50 -3.82
CA MET A 43 -2.19 0.18 -4.35
C MET A 43 -3.06 -0.89 -3.69
N PRO A 44 -4.03 -1.40 -4.44
CA PRO A 44 -4.88 -2.48 -3.91
C PRO A 44 -4.02 -3.69 -3.55
N VAL A 45 -4.38 -4.33 -2.45
CA VAL A 45 -3.66 -5.47 -1.90
C VAL A 45 -4.31 -6.80 -2.24
N GLY A 46 -3.52 -7.74 -2.76
CA GLY A 46 -4.08 -9.03 -3.10
C GLY A 46 -3.78 -10.16 -2.12
N THR A 47 -4.03 -11.30 -2.69
CA THR A 47 -3.82 -12.72 -2.39
C THR A 47 -3.16 -13.31 -3.62
N ALA A 48 -3.58 -14.46 -4.10
CA ALA A 48 -3.22 -14.93 -5.43
C ALA A 48 -4.02 -14.19 -6.51
N ALA A 49 -5.12 -13.60 -6.06
CA ALA A 49 -5.99 -12.68 -6.77
C ALA A 49 -5.43 -11.27 -6.62
N THR A 50 -5.45 -10.49 -7.70
CA THR A 50 -4.89 -9.13 -7.69
C THR A 50 -5.53 -8.35 -6.54
N VAL A 51 -6.82 -8.57 -6.35
CA VAL A 51 -7.66 -8.26 -5.22
C VAL A 51 -8.68 -9.39 -4.98
N LYS A 52 -8.92 -9.81 -3.76
CA LYS A 52 -9.93 -10.85 -3.50
C LYS A 52 -11.23 -10.53 -4.21
N ALA A 53 -11.74 -11.53 -4.93
CA ALA A 53 -13.04 -11.46 -5.57
C ALA A 53 -13.11 -10.55 -6.80
N LEU A 54 -12.00 -10.06 -7.31
CA LEU A 54 -11.93 -9.31 -8.55
C LEU A 54 -11.00 -9.91 -9.60
N LYS A 55 -11.41 -9.89 -10.86
CA LYS A 55 -10.54 -10.14 -11.99
C LYS A 55 -9.59 -8.95 -12.19
N PRO A 56 -8.42 -9.22 -12.70
CA PRO A 56 -7.44 -8.15 -12.96
C PRO A 56 -8.05 -7.05 -13.82
N GLU A 57 -8.87 -7.39 -14.79
CA GLU A 57 -9.45 -6.36 -15.65
C GLU A 57 -10.35 -5.40 -14.88
N THR A 58 -11.00 -5.92 -13.85
CA THR A 58 -11.85 -5.14 -12.96
C THR A 58 -11.01 -4.21 -12.09
N VAL A 59 -9.92 -4.75 -11.53
CA VAL A 59 -9.02 -3.93 -10.74
C VAL A 59 -8.53 -2.76 -11.60
N ARG A 60 -8.14 -3.06 -12.85
CA ARG A 60 -7.64 -1.99 -13.72
C ARG A 60 -8.72 -0.97 -14.00
N ALA A 61 -9.93 -1.49 -14.22
CA ALA A 61 -11.06 -0.63 -14.56
C ALA A 61 -11.36 0.38 -13.49
N THR A 62 -11.07 0.03 -12.25
CA THR A 62 -11.33 0.95 -11.14
C THR A 62 -10.31 2.09 -11.11
N GLY A 63 -9.25 1.93 -11.87
CA GLY A 63 -8.23 2.98 -12.02
C GLY A 63 -6.89 2.64 -11.38
N ALA A 64 -6.72 1.46 -10.80
CA ALA A 64 -5.42 1.09 -10.24
C ALA A 64 -4.33 1.01 -11.28
N ASP A 65 -3.16 1.54 -11.00
CA ASP A 65 -1.97 1.52 -11.87
C ASP A 65 -0.96 0.47 -11.46
N ILE A 66 -1.09 0.01 -10.23
CA ILE A 66 -0.19 -0.91 -9.57
C ILE A 66 -0.94 -1.56 -8.40
N ILE A 67 -0.55 -2.80 -8.13
CA ILE A 67 -1.14 -3.59 -7.04
C ILE A 67 0.00 -4.06 -6.13
N LEU A 68 -0.38 -4.43 -4.92
CA LEU A 68 0.58 -4.99 -3.98
C LEU A 68 0.45 -6.49 -3.93
N GLY A 69 1.56 -7.15 -4.19
CA GLY A 69 1.64 -8.61 -4.20
C GLY A 69 1.88 -9.10 -2.77
N ASN A 70 1.08 -10.03 -2.32
CA ASN A 70 1.13 -10.60 -0.97
C ASN A 70 2.14 -11.73 -0.90
N THR A 71 3.41 -11.34 -0.80
CA THR A 71 4.58 -12.21 -0.71
C THR A 71 4.40 -13.29 0.36
N TYR A 72 4.01 -12.90 1.57
CA TYR A 72 3.83 -13.93 2.63
C TYR A 72 2.89 -15.05 2.21
N HIS A 73 1.76 -14.67 1.63
CA HIS A 73 0.81 -15.71 1.20
C HIS A 73 1.40 -16.61 0.13
N LEU A 74 2.02 -16.00 -0.85
CA LEU A 74 2.45 -16.70 -2.05
C LEU A 74 3.67 -17.56 -1.78
N MET A 75 4.45 -17.16 -0.78
CA MET A 75 5.70 -17.87 -0.56
C MET A 75 5.34 -19.20 0.09
N LEU A 76 4.18 -19.22 0.73
CA LEU A 76 3.78 -20.46 1.41
C LEU A 76 3.07 -21.38 0.42
N ARG A 77 2.02 -20.87 -0.20
CA ARG A 77 1.38 -21.60 -1.30
C ARG A 77 1.03 -20.60 -2.38
N PRO A 78 1.33 -20.83 -3.66
CA PRO A 78 1.93 -22.04 -4.20
C PRO A 78 3.44 -22.13 -4.04
N GLY A 79 4.12 -21.09 -3.56
CA GLY A 79 5.57 -21.17 -3.50
C GLY A 79 6.16 -20.26 -4.54
N ALA A 80 7.22 -19.55 -4.16
CA ALA A 80 7.84 -18.62 -5.10
C ALA A 80 8.55 -19.32 -6.26
N GLU A 81 9.25 -20.39 -5.94
CA GLU A 81 9.91 -21.18 -6.98
C GLU A 81 8.90 -21.68 -8.00
N ARG A 82 7.75 -22.16 -7.54
CA ARG A 82 6.72 -22.65 -8.46
C ARG A 82 6.18 -21.53 -9.35
N ILE A 83 5.91 -20.37 -8.72
CA ILE A 83 5.40 -19.25 -9.49
C ILE A 83 6.42 -18.84 -10.54
N ALA A 84 7.71 -18.86 -10.19
CA ALA A 84 8.74 -18.52 -11.18
C ALA A 84 8.75 -19.54 -12.33
N LYS A 85 8.62 -20.80 -11.97
CA LYS A 85 8.55 -21.88 -12.95
C LYS A 85 7.39 -21.68 -13.92
N LEU A 86 6.31 -21.12 -13.41
CA LEU A 86 5.14 -20.90 -14.23
C LEU A 86 5.16 -19.60 -15.02
N GLY A 87 6.21 -18.79 -14.93
CA GLY A 87 6.38 -17.57 -15.68
C GLY A 87 6.40 -16.28 -14.89
N GLY A 88 6.28 -16.38 -13.57
CA GLY A 88 6.21 -15.27 -12.65
C GLY A 88 4.81 -14.80 -12.32
N LEU A 89 4.66 -13.94 -11.33
CA LEU A 89 3.38 -13.54 -10.77
C LEU A 89 2.51 -12.79 -11.78
N HIS A 90 3.12 -11.96 -12.61
CA HIS A 90 2.31 -11.24 -13.58
C HIS A 90 1.56 -12.19 -14.50
N SER A 91 2.29 -13.17 -15.06
CA SER A 91 1.60 -14.11 -15.95
C SER A 91 0.61 -15.02 -15.23
N PHE A 92 1.00 -15.46 -14.04
CA PHE A 92 0.14 -16.32 -13.21
C PHE A 92 -1.22 -15.67 -12.94
N MET A 93 -1.22 -14.45 -12.43
CA MET A 93 -2.36 -13.65 -12.10
C MET A 93 -3.11 -13.05 -13.28
N GLY A 94 -2.36 -12.76 -14.33
CA GLY A 94 -2.87 -12.06 -15.50
C GLY A 94 -2.92 -10.56 -15.27
N TRP A 95 -1.93 -10.02 -14.55
CA TRP A 95 -1.78 -8.59 -14.36
C TRP A 95 -0.43 -8.19 -14.96
N ASP A 96 -0.52 -7.38 -15.99
CA ASP A 96 0.68 -7.08 -16.75
C ASP A 96 1.27 -5.72 -16.44
N ARG A 97 0.73 -5.03 -15.44
CA ARG A 97 1.23 -3.74 -14.99
C ARG A 97 2.14 -3.86 -13.78
N PRO A 98 2.70 -2.79 -13.24
CA PRO A 98 3.61 -2.96 -12.08
C PRO A 98 2.95 -3.63 -10.88
N ILE A 99 3.81 -4.35 -10.15
CA ILE A 99 3.45 -4.97 -8.89
C ILE A 99 4.54 -4.62 -7.88
N LEU A 100 4.11 -4.16 -6.74
CA LEU A 100 5.02 -3.89 -5.62
C LEU A 100 4.88 -5.09 -4.70
N THR A 101 5.98 -5.71 -4.32
CA THR A 101 5.87 -6.80 -3.39
C THR A 101 6.36 -6.40 -2.02
N ASP A 102 5.62 -6.88 -1.02
CA ASP A 102 6.02 -6.69 0.38
C ASP A 102 7.12 -7.70 0.69
N SER A 103 7.86 -7.46 1.77
CA SER A 103 9.01 -8.32 2.04
C SER A 103 8.63 -9.60 2.75
N GLY A 104 7.43 -9.58 3.30
CA GLY A 104 6.75 -10.65 3.97
C GLY A 104 6.95 -10.67 5.47
N GLY A 105 7.83 -9.82 5.95
CA GLY A 105 8.09 -9.83 7.39
C GLY A 105 6.95 -9.34 8.27
N TYR A 106 6.20 -8.33 7.86
CA TYR A 106 5.12 -7.78 8.70
C TYR A 106 4.15 -8.88 9.06
N GLN A 107 3.72 -9.69 8.09
CA GLN A 107 2.73 -10.73 8.39
C GLN A 107 3.41 -11.86 9.16
N VAL A 108 4.70 -12.09 8.88
CA VAL A 108 5.38 -13.14 9.62
C VAL A 108 5.33 -12.76 11.09
N MET A 109 5.75 -11.51 11.32
CA MET A 109 5.82 -11.12 12.72
C MET A 109 4.42 -10.91 13.28
N SER A 110 3.42 -10.85 12.42
CA SER A 110 2.06 -10.52 12.88
C SER A 110 1.24 -11.79 13.04
N LEU A 111 1.24 -12.57 11.97
CA LEU A 111 0.32 -13.68 11.78
C LEU A 111 0.78 -14.95 12.48
N THR A 115 7.87 -18.32 16.17
CA THR A 115 8.74 -17.28 15.64
C THR A 115 9.94 -16.94 16.53
N LYS A 116 11.11 -16.93 15.91
CA LYS A 116 12.34 -16.59 16.63
C LYS A 116 13.21 -15.62 15.82
N GLN A 117 13.41 -14.44 16.39
CA GLN A 117 14.13 -13.35 15.77
C GLN A 117 15.63 -13.46 16.05
N SER A 118 16.47 -13.21 15.06
CA SER A 118 17.93 -13.16 15.19
C SER A 118 18.53 -12.15 14.24
N GLU A 119 19.82 -11.86 14.34
CA GLU A 119 20.44 -10.96 13.38
C GLU A 119 20.35 -11.49 11.94
N GLU A 120 20.27 -12.79 11.77
CA GLU A 120 20.17 -13.42 10.47
C GLU A 120 18.85 -13.12 9.77
N GLY A 121 17.81 -13.10 10.59
CA GLY A 121 16.45 -13.00 10.08
C GLY A 121 15.42 -13.48 11.08
N VAL A 122 14.26 -13.91 10.54
CA VAL A 122 13.26 -14.46 11.42
C VAL A 122 12.92 -15.90 11.06
N THR A 123 12.88 -16.76 12.08
CA THR A 123 12.40 -18.13 11.86
C THR A 123 10.96 -18.24 12.31
N PHE A 124 10.13 -18.96 11.54
CA PHE A 124 8.70 -19.01 11.88
C PHE A 124 8.09 -20.32 11.43
N LYS A 125 6.89 -20.64 11.90
CA LYS A 125 6.30 -21.92 11.53
C LYS A 125 5.25 -21.73 10.43
N SER A 131 5.01 -26.08 9.52
CA SER A 131 6.38 -26.29 9.05
C SER A 131 7.21 -25.04 9.32
N ARG A 132 8.53 -25.20 9.43
CA ARG A 132 9.30 -24.07 9.95
C ARG A 132 10.24 -23.49 8.92
N HIS A 133 10.34 -22.14 8.90
CA HIS A 133 11.23 -21.61 7.86
C HIS A 133 11.96 -20.39 8.39
N MET A 134 13.01 -19.98 7.68
CA MET A 134 13.74 -18.75 7.97
C MET A 134 13.52 -17.74 6.82
N LEU A 135 13.14 -16.54 7.21
CA LEU A 135 13.04 -15.41 6.32
C LEU A 135 14.09 -14.38 6.73
N SER A 136 15.07 -14.18 5.87
CA SER A 136 16.13 -13.20 6.03
C SER A 136 16.09 -12.19 4.89
N PRO A 137 16.81 -11.09 4.99
CA PRO A 137 16.80 -10.14 3.89
C PRO A 137 17.18 -10.79 2.57
N GLU A 138 18.19 -11.66 2.57
CA GLU A 138 18.52 -12.28 1.29
C GLU A 138 17.44 -13.14 0.68
N ARG A 139 16.78 -13.99 1.41
CA ARG A 139 15.68 -14.85 1.02
C ARG A 139 14.47 -14.03 0.60
N SER A 140 14.23 -12.96 1.35
CA SER A 140 13.09 -12.10 0.99
C SER A 140 13.35 -11.50 -0.38
N ILE A 141 14.54 -10.96 -0.62
CA ILE A 141 14.80 -10.34 -1.93
C ILE A 141 14.73 -11.40 -3.01
N GLU A 142 15.21 -12.60 -2.70
CA GLU A 142 15.16 -13.70 -3.67
C GLU A 142 13.72 -14.09 -4.00
N ILE A 143 12.89 -14.22 -2.97
CA ILE A 143 11.49 -14.53 -3.21
C ILE A 143 10.82 -13.48 -4.08
N GLN A 144 11.06 -12.21 -3.76
CA GLN A 144 10.45 -11.15 -4.60
C GLN A 144 10.94 -11.22 -6.03
N HIS A 145 12.21 -11.58 -6.23
CA HIS A 145 12.73 -11.76 -7.58
C HIS A 145 12.01 -12.88 -8.31
N LEU A 146 11.77 -13.98 -7.61
CA LEU A 146 11.14 -15.16 -8.22
C LEU A 146 9.70 -14.85 -8.60
N LEU A 147 9.11 -13.99 -7.76
CA LEU A 147 7.76 -13.57 -8.14
C LEU A 147 7.78 -12.61 -9.32
N GLY A 148 8.91 -11.96 -9.58
CA GLY A 148 9.07 -11.02 -10.67
C GLY A 148 8.54 -9.65 -10.35
N SER A 149 8.65 -9.24 -9.09
CA SER A 149 8.26 -7.94 -8.56
C SER A 149 8.86 -6.79 -9.35
N ASP A 150 8.12 -5.70 -9.58
CA ASP A 150 8.68 -4.48 -10.13
C ASP A 150 9.23 -3.54 -9.05
N ILE A 151 8.53 -3.43 -7.93
CA ILE A 151 9.08 -2.65 -6.82
C ILE A 151 9.25 -3.63 -5.65
N VAL A 152 10.50 -3.79 -5.25
CA VAL A 152 10.95 -4.70 -4.21
C VAL A 152 11.10 -3.95 -2.89
N MET A 153 10.56 -4.47 -1.80
CA MET A 153 10.72 -3.80 -0.52
C MET A 153 11.88 -4.41 0.24
N ALA A 154 12.76 -3.61 0.81
CA ALA A 154 13.71 -4.14 1.77
C ALA A 154 13.05 -4.86 2.93
N PHE A 155 13.75 -5.86 3.45
CA PHE A 155 13.30 -6.63 4.60
C PHE A 155 13.62 -5.91 5.89
N ASP A 156 12.61 -5.62 6.69
CA ASP A 156 12.75 -4.84 7.89
C ASP A 156 12.04 -5.48 9.09
N GLU A 157 12.06 -4.78 10.24
CA GLU A 157 11.23 -5.15 11.38
C GLU A 157 10.30 -3.98 11.69
N CYS A 158 9.00 -4.20 11.63
CA CYS A 158 8.04 -3.18 12.07
C CYS A 158 8.01 -3.19 13.59
N THR A 159 8.59 -2.16 14.19
CA THR A 159 8.73 -2.12 15.66
C THR A 159 7.36 -2.07 16.32
N PRO A 160 7.07 -2.92 17.29
CA PRO A 160 5.80 -2.84 18.01
C PRO A 160 5.60 -1.48 18.67
N TYR A 161 4.32 -1.13 18.84
CA TYR A 161 3.91 0.08 19.50
C TYR A 161 3.07 -0.26 20.72
N PRO A 162 3.33 0.36 21.87
CA PRO A 162 4.39 1.32 22.08
C PRO A 162 5.74 0.60 22.25
N ALA A 163 6.81 1.35 22.06
CA ALA A 163 8.16 0.86 22.28
C ALA A 163 8.97 1.84 23.11
N THR A 164 9.76 1.32 24.06
CA THR A 164 10.66 2.22 24.78
C THR A 164 11.73 2.74 23.84
N PRO A 165 12.38 3.86 24.11
CA PRO A 165 13.43 4.37 23.23
C PRO A 165 14.53 3.36 22.98
N SER A 166 14.95 2.58 23.99
CA SER A 166 16.03 1.63 23.73
C SER A 166 15.67 0.54 22.76
N ARG A 167 14.47 -0.03 22.81
CA ARG A 167 13.98 -1.11 22.01
C ARG A 167 13.75 -0.55 20.60
N ALA A 168 13.23 0.68 20.59
CA ALA A 168 13.01 1.32 19.27
C ALA A 168 14.35 1.47 18.53
N ALA A 169 15.37 1.89 19.28
CA ALA A 169 16.68 2.12 18.65
C ALA A 169 17.33 0.83 18.22
N SER A 170 17.27 -0.19 19.09
CA SER A 170 17.79 -1.50 18.75
C SER A 170 17.19 -2.07 17.48
N SER A 171 15.86 -1.94 17.43
CA SER A 171 15.10 -2.48 16.33
C SER A 171 15.40 -1.75 15.02
N MET A 172 15.39 -0.43 15.13
CA MET A 172 15.71 0.43 14.00
C MET A 172 17.10 0.11 13.46
N GLU A 173 18.06 -0.06 14.37
CA GLU A 173 19.46 -0.31 13.96
C GLU A 173 19.60 -1.60 13.18
N ARG A 174 18.91 -2.63 13.66
CA ARG A 174 18.88 -3.93 13.00
C ARG A 174 18.27 -3.76 11.61
N SER A 175 17.15 -3.03 11.58
CA SER A 175 16.50 -2.80 10.28
C SER A 175 17.44 -2.11 9.32
N MET A 176 18.27 -1.21 9.84
CA MET A 176 19.15 -0.51 8.89
C MET A 176 20.23 -1.47 8.39
N ARG A 177 20.67 -2.37 9.25
CA ARG A 177 21.63 -3.37 8.80
C ARG A 177 21.01 -4.29 7.75
N TRP A 178 19.75 -4.67 7.93
CA TRP A 178 19.00 -5.49 7.00
C TRP A 178 18.75 -4.73 5.71
N ALA A 179 18.63 -3.40 5.80
CA ALA A 179 18.41 -2.58 4.61
C ALA A 179 19.63 -2.64 3.70
N LYS A 180 20.84 -2.57 4.28
CA LYS A 180 22.06 -2.74 3.55
C LYS A 180 22.19 -4.13 2.95
N ARG A 181 21.85 -5.17 3.71
CA ARG A 181 21.83 -6.52 3.15
C ARG A 181 20.82 -6.61 2.00
N SER A 182 19.70 -5.93 2.12
CA SER A 182 18.66 -5.97 1.09
C SER A 182 19.19 -5.36 -0.21
N ARG A 183 19.81 -4.20 -0.07
CA ARG A 183 20.44 -3.49 -1.16
C ARG A 183 21.46 -4.34 -1.90
N ASP A 184 22.37 -4.96 -1.13
CA ASP A 184 23.42 -5.76 -1.74
C ASP A 184 22.86 -7.02 -2.41
N ALA A 185 21.89 -7.68 -1.79
CA ALA A 185 21.26 -8.84 -2.41
C ALA A 185 20.58 -8.46 -3.72
N PHE A 186 19.87 -7.35 -3.73
CA PHE A 186 19.19 -6.86 -4.95
C PHE A 186 20.21 -6.59 -6.03
N ASP A 187 21.28 -5.91 -5.68
CA ASP A 187 22.26 -5.47 -6.69
C ASP A 187 23.07 -6.63 -7.24
N SER A 188 23.22 -7.70 -6.47
CA SER A 188 23.99 -8.87 -6.91
C SER A 188 23.24 -9.69 -7.93
N ARG A 189 21.96 -9.38 -8.04
CA ARG A 189 21.17 -10.08 -9.04
C ARG A 189 20.91 -9.24 -10.27
N LYS A 190 21.65 -9.44 -11.35
CA LYS A 190 21.67 -8.55 -12.50
C LYS A 190 20.29 -8.23 -13.09
N GLU A 191 19.50 -9.28 -13.26
CA GLU A 191 18.19 -9.12 -13.88
C GLU A 191 17.27 -8.27 -13.04
N GLN A 192 17.42 -8.51 -11.74
CA GLN A 192 16.56 -7.71 -10.85
C GLN A 192 17.01 -6.27 -10.84
N ALA A 193 18.32 -6.04 -10.72
CA ALA A 193 18.87 -4.70 -10.64
C ALA A 193 18.53 -3.89 -11.87
N GLU A 194 18.54 -4.54 -13.04
CA GLU A 194 18.26 -3.78 -14.24
C GLU A 194 16.80 -3.53 -14.49
N ASN A 195 15.88 -4.31 -13.92
CA ASN A 195 14.49 -4.21 -14.32
C ASN A 195 13.49 -3.83 -13.22
N ALA A 196 13.90 -3.96 -11.97
CA ALA A 196 13.05 -3.59 -10.84
C ALA A 196 13.64 -2.43 -10.07
N ALA A 197 12.89 -1.93 -9.10
CA ALA A 197 13.30 -0.86 -8.21
C ALA A 197 13.33 -1.40 -6.78
N LEU A 198 14.06 -0.77 -5.89
CA LEU A 198 14.15 -1.16 -4.49
C LEU A 198 13.84 -0.01 -3.54
N PHE A 199 12.91 -0.21 -2.60
CA PHE A 199 12.56 0.80 -1.62
C PHE A 199 13.11 0.41 -0.25
N GLY A 200 13.62 1.40 0.47
CA GLY A 200 14.07 1.25 1.85
C GLY A 200 12.97 1.69 2.80
N ILE A 201 12.96 1.19 4.03
CA ILE A 201 11.90 1.53 4.97
C ILE A 201 12.45 2.17 6.25
N GLN A 202 11.96 3.36 6.56
CA GLN A 202 12.31 4.10 7.77
C GLN A 202 11.53 3.52 8.95
N GLN A 203 12.12 3.33 10.10
CA GLN A 203 11.77 2.91 11.41
C GLN A 203 12.18 3.99 12.41
N GLY A 204 12.07 3.67 13.67
CA GLY A 204 12.29 4.60 14.76
C GLY A 204 11.10 4.91 15.63
N SER A 205 10.03 4.16 15.49
CA SER A 205 8.82 4.30 16.29
C SER A 205 8.39 5.77 16.23
N VAL A 206 8.09 6.40 17.35
CA VAL A 206 7.63 7.78 17.37
C VAL A 206 8.69 8.80 17.72
N PHE A 207 9.96 8.41 17.69
CA PHE A 207 11.03 9.24 18.18
C PHE A 207 11.78 9.94 17.05
N GLU A 208 11.72 11.27 17.08
CA GLU A 208 12.35 12.13 16.07
C GLU A 208 13.81 11.78 15.82
N ASN A 209 14.59 11.59 16.89
CA ASN A 209 16.01 11.35 16.66
C ASN A 209 16.28 10.02 16.00
N LEU A 210 15.45 9.05 16.33
CA LEU A 210 15.71 7.75 15.71
C LEU A 210 15.23 7.74 14.25
N ARG A 211 14.15 8.48 13.99
CA ARG A 211 13.67 8.61 12.61
C ARG A 211 14.72 9.28 11.75
N GLN A 212 15.39 10.27 12.32
CA GLN A 212 16.43 10.99 11.59
C GLN A 212 17.61 10.07 11.33
N GLN A 213 18.03 9.32 12.34
CA GLN A 213 19.11 8.37 12.10
C GLN A 213 18.76 7.37 11.02
N SER A 214 17.51 6.94 11.02
CA SER A 214 17.06 5.97 10.04
C SER A 214 17.07 6.55 8.63
N ALA A 215 16.49 7.73 8.48
CA ALA A 215 16.49 8.45 7.21
C ALA A 215 17.92 8.58 6.71
N ASP A 216 18.84 8.95 7.59
CA ASP A 216 20.22 9.15 7.18
C ASP A 216 20.89 7.86 6.73
N ALA A 217 20.61 6.78 7.45
CA ALA A 217 21.19 5.49 7.11
C ALA A 217 20.67 5.05 5.73
N LEU A 218 19.37 5.23 5.51
CA LEU A 218 18.80 4.78 4.25
C LEU A 218 19.32 5.59 3.06
N ALA A 219 19.44 6.90 3.24
CA ALA A 219 19.88 7.73 2.12
C ALA A 219 21.36 7.45 1.85
N GLU A 220 22.14 7.09 2.87
CA GLU A 220 23.54 6.72 2.65
C GLU A 220 23.64 5.44 1.83
N ILE A 221 22.73 4.53 2.13
CA ILE A 221 22.69 3.30 1.31
C ILE A 221 22.22 3.60 -0.09
N GLY A 222 21.14 4.37 -0.20
CA GLY A 222 20.57 4.76 -1.47
C GLY A 222 19.51 3.77 -1.95
N PHE A 223 18.28 4.28 -2.10
CA PHE A 223 17.15 3.51 -2.64
C PHE A 223 16.39 4.30 -3.71
N ASP A 224 15.51 3.61 -4.42
CA ASP A 224 14.72 4.26 -5.46
C ASP A 224 13.52 4.98 -4.88
N GLY A 225 13.12 4.52 -3.70
CA GLY A 225 12.01 5.16 -3.01
C GLY A 225 12.14 4.87 -1.52
N TYR A 226 11.41 5.61 -0.71
CA TYR A 226 11.53 5.49 0.75
C TYR A 226 10.18 5.31 1.39
N ALA A 227 10.03 4.28 2.19
CA ALA A 227 8.78 4.06 2.89
C ALA A 227 8.92 4.59 4.31
N VAL A 228 7.78 5.02 4.86
CA VAL A 228 7.64 5.26 6.28
C VAL A 228 6.99 4.03 6.90
N GLY A 229 7.82 3.28 7.63
CA GLY A 229 7.36 2.10 8.34
C GLY A 229 7.05 2.43 9.77
N GLY A 230 6.52 1.41 10.46
CA GLY A 230 6.37 1.53 11.89
C GLY A 230 5.17 2.33 12.36
N LEU A 231 4.23 2.66 11.48
CA LEU A 231 3.02 3.40 11.82
C LEU A 231 1.80 2.56 11.47
N ALA A 232 0.62 3.08 11.84
CA ALA A 232 -0.63 2.34 11.77
C ALA A 232 -0.49 0.99 12.46
N VAL A 233 0.10 1.02 13.65
CA VAL A 233 0.30 -0.14 14.51
C VAL A 233 -0.29 0.09 15.90
N GLY A 234 -1.26 0.97 16.00
CA GLY A 234 -1.96 1.17 17.28
C GLY A 234 -1.80 2.56 17.82
N GLU A 235 -1.06 3.45 17.17
CA GLU A 235 -0.81 4.75 17.79
C GLU A 235 -1.94 5.75 17.62
N GLY A 236 -2.83 5.52 16.67
CA GLY A 236 -3.87 6.51 16.43
C GLY A 236 -3.44 7.62 15.48
N GLN A 237 -4.46 8.18 14.83
CA GLN A 237 -4.22 9.19 13.82
C GLN A 237 -3.46 10.40 14.31
N ASP A 238 -3.76 10.96 15.49
CA ASP A 238 -3.07 12.18 15.89
C ASP A 238 -1.56 11.93 15.99
N GLU A 239 -1.23 10.82 16.62
CA GLU A 239 0.18 10.46 16.81
C GLU A 239 0.82 10.09 15.49
N MET A 240 0.09 9.37 14.63
CA MET A 240 0.68 9.09 13.32
C MET A 240 0.97 10.36 12.55
N PHE A 241 0.06 11.32 12.55
CA PHE A 241 0.28 12.58 11.87
C PHE A 241 1.42 13.36 12.50
N ARG A 242 1.51 13.35 13.83
CA ARG A 242 2.62 14.02 14.51
C ARG A 242 3.97 13.49 14.05
N VAL A 243 4.04 12.15 13.93
CA VAL A 243 5.29 11.53 13.52
C VAL A 243 5.56 11.80 12.04
N LEU A 244 4.53 11.75 11.19
CA LEU A 244 4.72 12.11 9.80
C LEU A 244 5.19 13.55 9.61
N ASP A 245 4.70 14.44 10.47
CA ASP A 245 5.09 15.85 10.37
C ASP A 245 6.61 16.05 10.37
N PHE A 246 7.31 15.33 11.24
CA PHE A 246 8.77 15.48 11.22
C PHE A 246 9.49 14.43 10.39
N SER A 247 8.85 13.29 10.14
CA SER A 247 9.56 12.18 9.52
C SER A 247 9.65 12.26 8.01
N VAL A 248 8.58 12.67 7.34
CA VAL A 248 8.64 12.72 5.87
C VAL A 248 9.63 13.75 5.38
N PRO A 249 9.74 14.94 5.96
CA PRO A 249 10.79 15.87 5.46
C PRO A 249 12.20 15.33 5.61
N MET A 250 12.45 14.32 6.43
CA MET A 250 13.78 13.74 6.49
C MET A 250 14.17 12.87 5.30
N LEU A 251 13.19 12.45 4.52
CA LEU A 251 13.45 11.57 3.38
C LEU A 251 13.85 12.41 2.17
N PRO A 252 14.58 11.88 1.20
CA PRO A 252 14.91 12.68 0.01
C PRO A 252 13.62 13.16 -0.65
N ASP A 253 13.62 14.45 -0.98
CA ASP A 253 12.44 15.06 -1.57
C ASP A 253 12.16 14.53 -2.96
N ASP A 254 13.21 14.16 -3.70
CA ASP A 254 13.09 13.80 -5.10
C ASP A 254 12.76 12.33 -5.36
N LYS A 255 12.46 11.58 -4.31
CA LYS A 255 12.07 10.20 -4.38
C LYS A 255 10.68 9.99 -3.77
N PRO A 256 9.97 8.97 -4.23
CA PRO A 256 8.65 8.73 -3.67
C PRO A 256 8.69 8.29 -2.20
N HIS A 257 7.63 8.69 -1.53
CA HIS A 257 7.40 8.42 -0.11
C HIS A 257 6.20 7.50 0.07
N TYR A 258 6.41 6.34 0.64
CA TYR A 258 5.36 5.31 0.76
C TYR A 258 5.01 5.11 2.23
N LEU A 259 3.76 5.37 2.58
CA LEU A 259 3.25 5.07 3.93
C LEU A 259 2.61 3.69 3.94
N MET A 260 3.22 2.73 4.61
CA MET A 260 2.83 1.33 4.61
C MET A 260 1.62 1.07 5.49
N GLY A 261 0.60 0.42 4.92
CA GLY A 261 -0.50 -0.04 5.71
C GLY A 261 -1.54 0.99 6.07
N VAL A 262 -1.54 2.13 5.39
CA VAL A 262 -2.51 3.20 5.59
C VAL A 262 -3.32 3.40 4.32
N GLY A 263 -4.63 3.53 4.42
CA GLY A 263 -5.42 3.56 5.63
C GLY A 263 -6.85 3.96 5.31
N LYS A 264 -7.57 4.53 6.27
CA LYS A 264 -8.89 5.03 5.99
C LYS A 264 -8.78 6.27 5.12
N PRO A 265 -9.84 6.61 4.41
CA PRO A 265 -9.79 7.78 3.53
C PRO A 265 -9.23 9.02 4.20
N ASP A 266 -9.65 9.34 5.42
CA ASP A 266 -9.16 10.50 6.16
C ASP A 266 -7.68 10.42 6.49
N ASP A 267 -7.21 9.20 6.75
CA ASP A 267 -5.78 9.03 6.97
C ASP A 267 -4.93 9.36 5.74
N ILE A 268 -5.42 8.93 4.60
CA ILE A 268 -4.74 9.09 3.30
C ILE A 268 -4.68 10.59 3.00
N VAL A 269 -5.81 11.27 3.14
CA VAL A 269 -5.78 12.71 2.86
C VAL A 269 -4.77 13.46 3.75
N GLY A 270 -4.80 13.23 5.07
CA GLY A 270 -3.85 13.88 5.96
C GLY A 270 -2.42 13.51 5.69
N ALA A 271 -2.19 12.26 5.27
CA ALA A 271 -0.85 11.79 4.94
C ALA A 271 -0.33 12.47 3.67
N VAL A 272 -1.18 12.68 2.67
CA VAL A 272 -0.78 13.38 1.46
C VAL A 272 -0.45 14.83 1.83
N GLU A 273 -1.24 15.43 2.73
CA GLU A 273 -0.93 16.77 3.21
C GLU A 273 0.47 16.85 3.84
N ARG A 274 1.00 15.73 4.28
CA ARG A 274 2.31 15.64 4.89
C ARG A 274 3.40 15.08 4.00
N GLY A 275 3.16 14.89 2.69
CA GLY A 275 4.20 14.53 1.75
C GLY A 275 4.28 13.06 1.33
N ILE A 276 3.26 12.29 1.67
CA ILE A 276 3.19 10.91 1.18
C ILE A 276 2.60 10.80 -0.22
N ASP A 277 3.26 9.93 -0.99
CA ASP A 277 2.94 9.70 -2.37
C ASP A 277 2.29 8.34 -2.70
N MET A 278 2.40 7.34 -1.84
CA MET A 278 1.92 5.98 -2.10
C MET A 278 1.42 5.35 -0.81
N PHE A 279 0.39 4.53 -0.97
CA PHE A 279 -0.37 3.89 0.07
C PHE A 279 -0.75 2.44 -0.27
N ASP A 280 -0.82 1.59 0.74
CA ASP A 280 -1.45 0.27 0.62
C ASP A 280 -2.22 0.01 1.91
N CYS A 281 -3.37 -0.65 1.73
CA CYS A 281 -4.17 -1.06 2.85
CA CYS A 281 -4.03 -1.22 2.90
C CYS A 281 -5.15 -2.16 2.44
N VAL A 282 -5.48 -3.11 3.32
CA VAL A 282 -6.52 -4.08 3.02
C VAL A 282 -7.90 -3.53 3.30
N LEU A 283 -8.05 -2.37 3.91
CA LEU A 283 -9.36 -1.91 4.38
C LEU A 283 -10.43 -1.95 3.31
N PRO A 284 -10.25 -1.48 2.08
CA PRO A 284 -11.38 -1.49 1.16
C PRO A 284 -11.90 -2.89 0.89
N THR A 285 -11.03 -3.90 0.88
CA THR A 285 -11.50 -5.28 0.64
C THR A 285 -12.12 -5.91 1.87
N ARG A 286 -11.42 -5.85 3.00
CA ARG A 286 -11.91 -6.36 4.27
C ARG A 286 -13.25 -5.73 4.69
N SER A 287 -13.30 -4.42 4.68
CA SER A 287 -14.49 -3.65 4.95
C SER A 287 -15.60 -4.17 4.02
N GLY A 288 -15.24 -4.15 2.74
CA GLY A 288 -16.27 -4.49 1.79
C GLY A 288 -16.84 -5.87 1.96
N ARG A 289 -15.94 -6.83 2.21
CA ARG A 289 -16.47 -8.17 2.43
C ARG A 289 -17.34 -8.18 3.67
N ASN A 290 -17.10 -7.26 4.60
CA ASN A 290 -17.87 -7.31 5.84
C ASN A 290 -19.14 -6.47 5.77
N GLY A 291 -19.40 -5.84 4.64
CA GLY A 291 -20.64 -5.07 4.52
C GLY A 291 -20.42 -3.58 4.64
N GLN A 292 -19.20 -3.10 4.83
CA GLN A 292 -18.97 -1.67 4.92
C GLN A 292 -18.67 -1.10 3.53
N ALA A 293 -19.47 -0.14 3.10
CA ALA A 293 -19.21 0.55 1.86
C ALA A 293 -18.76 1.98 2.10
N PHE A 294 -17.72 2.44 1.39
CA PHE A 294 -17.28 3.82 1.51
C PHE A 294 -18.13 4.74 0.65
N THR A 295 -18.50 5.90 1.15
CA THR A 295 -19.26 6.91 0.45
C THR A 295 -18.69 8.29 0.78
N TRP A 296 -19.06 9.29 -0.01
CA TRP A 296 -18.53 10.64 0.28
C TRP A 296 -19.14 11.25 1.53
N ASP A 297 -20.29 10.74 1.94
CA ASP A 297 -20.87 11.02 3.25
C ASP A 297 -20.44 10.10 4.38
N GLY A 298 -19.33 9.35 4.26
CA GLY A 298 -18.96 8.43 5.29
C GLY A 298 -19.25 6.98 4.94
N PRO A 299 -18.66 6.06 5.68
CA PRO A 299 -18.96 4.63 5.42
C PRO A 299 -20.39 4.33 5.86
N ILE A 300 -21.00 3.34 5.22
CA ILE A 300 -22.30 2.81 5.58
C ILE A 300 -22.19 1.30 5.74
N ASN A 301 -23.05 0.72 6.61
CA ASN A 301 -23.01 -0.73 6.67
C ASN A 301 -24.29 -1.27 5.99
N ILE A 302 -24.07 -1.82 4.81
CA ILE A 302 -25.14 -2.19 3.91
C ILE A 302 -26.03 -3.29 4.45
N ARG A 303 -25.59 -3.99 5.48
CA ARG A 303 -26.43 -4.98 6.16
CA ARG A 303 -26.47 -5.00 6.10
C ARG A 303 -27.58 -4.36 6.93
N ASN A 304 -27.47 -3.10 7.29
CA ASN A 304 -28.48 -2.46 8.15
C ASN A 304 -29.83 -2.45 7.43
N ALA A 305 -30.86 -2.78 8.19
CA ALA A 305 -32.23 -2.84 7.74
C ALA A 305 -32.68 -1.60 6.98
N ARG A 306 -32.08 -0.47 7.27
CA ARG A 306 -32.43 0.81 6.66
C ARG A 306 -32.22 0.73 5.13
N PHE A 307 -31.47 -0.24 4.64
CA PHE A 307 -31.15 -0.29 3.22
C PHE A 307 -31.98 -1.31 2.47
N SER A 308 -32.85 -2.03 3.18
CA SER A 308 -33.48 -3.19 2.54
C SER A 308 -34.36 -2.78 1.37
N GLU A 309 -34.87 -1.55 1.32
CA GLU A 309 -35.69 -1.17 0.17
C GLU A 309 -35.17 0.11 -0.47
N ASP A 310 -33.90 0.42 -0.31
CA ASP A 310 -33.30 1.67 -0.78
C ASP A 310 -32.77 1.45 -2.20
N LEU A 311 -33.34 2.18 -3.16
CA LEU A 311 -33.03 1.89 -4.56
C LEU A 311 -31.85 2.69 -5.06
N LYS A 312 -31.32 3.60 -4.25
CA LYS A 312 -30.16 4.40 -4.62
C LYS A 312 -28.92 3.51 -4.72
N PRO A 313 -27.94 3.93 -5.49
CA PRO A 313 -26.66 3.23 -5.51
C PRO A 313 -25.93 3.42 -4.18
N LEU A 314 -24.87 2.66 -3.98
CA LEU A 314 -24.06 2.73 -2.76
C LEU A 314 -23.66 4.17 -2.50
N ASP A 315 -23.21 4.86 -3.54
CA ASP A 315 -22.85 6.29 -3.42
C ASP A 315 -23.42 7.01 -4.64
N SER A 316 -23.99 8.18 -4.38
CA SER A 316 -24.71 9.06 -5.26
C SER A 316 -23.86 9.62 -6.37
N GLU A 317 -22.57 9.72 -6.12
CA GLU A 317 -21.69 10.33 -7.12
C GLU A 317 -20.73 9.36 -7.78
N CYS A 318 -20.51 8.19 -7.18
CA CYS A 318 -19.52 7.22 -7.63
C CYS A 318 -19.74 6.82 -9.09
N HIS A 319 -18.61 6.77 -9.81
CA HIS A 319 -18.68 6.41 -11.24
C HIS A 319 -18.52 4.91 -11.46
N CYS A 320 -18.47 4.11 -10.42
CA CYS A 320 -18.13 2.69 -10.67
C CYS A 320 -19.27 1.92 -11.32
N ALA A 321 -18.92 0.78 -11.92
CA ALA A 321 -19.93 -0.07 -12.56
C ALA A 321 -20.99 -0.55 -11.58
N VAL A 322 -20.63 -0.78 -10.33
CA VAL A 322 -21.59 -1.22 -9.33
C VAL A 322 -22.68 -0.19 -9.10
N CYS A 323 -22.28 1.05 -8.97
CA CYS A 323 -23.18 2.17 -8.71
C CYS A 323 -23.97 2.53 -9.96
N GLN A 324 -23.47 2.10 -11.12
CA GLN A 324 -24.26 2.35 -12.33
C GLN A 324 -25.40 1.34 -12.45
N LYS A 325 -25.28 0.16 -11.87
CA LYS A 325 -26.09 -1.01 -12.22
C LYS A 325 -26.95 -1.55 -11.07
N TRP A 326 -26.51 -1.49 -9.82
CA TRP A 326 -27.28 -2.16 -8.77
C TRP A 326 -27.60 -1.22 -7.62
N SER A 327 -28.69 -1.52 -6.92
CA SER A 327 -29.08 -0.74 -5.74
C SER A 327 -28.50 -1.26 -4.44
N ARG A 328 -28.50 -0.34 -3.48
CA ARG A 328 -28.25 -0.68 -2.08
C ARG A 328 -29.08 -1.84 -1.59
N ALA A 329 -30.36 -1.81 -1.99
CA ALA A 329 -31.26 -2.89 -1.60
C ALA A 329 -30.80 -4.27 -2.08
N TYR A 330 -30.33 -4.35 -3.31
CA TYR A 330 -29.89 -5.62 -3.87
C TYR A 330 -28.64 -6.07 -3.11
N ILE A 331 -27.72 -5.12 -2.93
CA ILE A 331 -26.44 -5.54 -2.34
C ILE A 331 -26.63 -5.90 -0.89
N HIS A 332 -27.53 -5.22 -0.20
CA HIS A 332 -27.95 -5.55 1.14
C HIS A 332 -28.40 -7.00 1.22
N HIS A 333 -29.27 -7.38 0.30
CA HIS A 333 -29.73 -8.76 0.30
C HIS A 333 -28.56 -9.72 0.05
N LEU A 334 -27.70 -9.41 -0.94
CA LEU A 334 -26.61 -10.34 -1.27
C LEU A 334 -25.72 -10.61 -0.06
N ILE A 335 -25.37 -9.53 0.64
CA ILE A 335 -24.45 -9.62 1.76
C ILE A 335 -25.10 -10.36 2.90
N ARG A 336 -26.36 -10.06 3.18
CA ARG A 336 -27.00 -10.82 4.24
C ARG A 336 -27.16 -12.30 3.92
N ALA A 337 -27.35 -12.60 2.65
CA ALA A 337 -27.45 -13.98 2.20
C ALA A 337 -26.10 -14.69 2.09
N GLY A 338 -24.98 -13.98 2.29
CA GLY A 338 -23.68 -14.63 2.14
C GLY A 338 -23.30 -14.99 0.73
N GLU A 339 -23.87 -14.32 -0.27
CA GLU A 339 -23.57 -14.55 -1.67
C GLU A 339 -22.21 -14.00 -2.07
N ILE A 340 -21.48 -14.78 -2.85
CA ILE A 340 -20.20 -14.32 -3.39
C ILE A 340 -20.33 -13.05 -4.18
N LEU A 341 -21.48 -12.93 -4.90
CA LEU A 341 -21.67 -11.74 -5.71
C LEU A 341 -21.72 -10.50 -4.81
N GLY A 342 -22.19 -10.66 -3.57
CA GLY A 342 -22.18 -9.48 -2.68
C GLY A 342 -20.76 -9.03 -2.39
N ALA A 343 -19.87 -9.95 -2.12
CA ALA A 343 -18.45 -9.65 -1.91
C ALA A 343 -17.88 -9.00 -3.16
N MET A 344 -18.18 -9.54 -4.34
CA MET A 344 -17.66 -9.01 -5.57
C MET A 344 -18.02 -7.56 -5.75
N LEU A 345 -19.29 -7.25 -5.59
CA LEU A 345 -19.80 -5.92 -5.86
C LEU A 345 -19.32 -4.92 -4.83
N MET A 346 -19.32 -5.30 -3.55
CA MET A 346 -18.85 -4.42 -2.49
C MET A 346 -17.38 -4.11 -2.68
N THR A 347 -16.61 -5.11 -3.08
CA THR A 347 -15.16 -4.92 -3.23
C THR A 347 -14.85 -4.00 -4.40
N GLU A 348 -15.53 -4.23 -5.53
CA GLU A 348 -15.33 -3.39 -6.71
C GLU A 348 -15.64 -1.93 -6.36
N HIS A 349 -16.77 -1.70 -5.68
CA HIS A 349 -17.12 -0.34 -5.30
C HIS A 349 -16.05 0.27 -4.40
N ASN A 350 -15.68 -0.45 -3.34
CA ASN A 350 -14.74 0.19 -2.40
C ASN A 350 -13.38 0.47 -3.02
N ILE A 351 -12.89 -0.43 -3.86
CA ILE A 351 -11.63 -0.13 -4.56
C ILE A 351 -11.77 1.02 -5.54
N ALA A 352 -12.90 1.11 -6.23
CA ALA A 352 -13.18 2.22 -7.12
C ALA A 352 -13.25 3.53 -6.33
N PHE A 353 -13.93 3.45 -5.19
CA PHE A 353 -14.01 4.63 -4.33
C PHE A 353 -12.60 5.11 -3.97
N TYR A 354 -11.72 4.23 -3.54
CA TYR A 354 -10.36 4.62 -3.17
C TYR A 354 -9.67 5.24 -4.39
N GLN A 355 -9.83 4.68 -5.59
CA GLN A 355 -9.20 5.23 -6.79
C GLN A 355 -9.75 6.64 -7.08
N GLN A 356 -11.06 6.82 -6.92
CA GLN A 356 -11.65 8.15 -7.18
C GLN A 356 -11.12 9.17 -6.17
N LEU A 357 -10.92 8.75 -4.91
CA LEU A 357 -10.35 9.62 -3.91
C LEU A 357 -8.95 10.05 -4.36
N MET A 358 -8.17 9.09 -4.83
CA MET A 358 -6.79 9.44 -5.23
C MET A 358 -6.84 10.36 -6.45
N GLN A 359 -7.79 10.11 -7.38
CA GLN A 359 -7.89 11.00 -8.52
C GLN A 359 -8.23 12.42 -8.10
N LYS A 360 -9.15 12.54 -7.14
CA LYS A 360 -9.56 13.84 -6.64
C LYS A 360 -8.39 14.56 -5.97
N ILE A 361 -7.61 13.77 -5.25
CA ILE A 361 -6.40 14.32 -4.62
C ILE A 361 -5.42 14.80 -5.68
N ARG A 362 -5.12 13.99 -6.71
CA ARG A 362 -4.17 14.40 -7.76
C ARG A 362 -4.62 15.66 -8.48
N ASP A 363 -5.89 15.68 -8.84
CA ASP A 363 -6.38 16.83 -9.61
C ASP A 363 -6.37 18.07 -8.74
N SER A 364 -6.73 17.95 -7.47
CA SER A 364 -6.76 19.17 -6.62
C SER A 364 -5.36 19.69 -6.39
N ILE A 365 -4.38 18.82 -6.23
CA ILE A 365 -2.99 19.30 -6.06
C ILE A 365 -2.52 20.00 -7.33
N SER A 366 -2.82 19.35 -8.45
CA SER A 366 -2.49 19.86 -9.78
C SER A 366 -3.06 21.26 -9.98
N GLU A 367 -4.22 21.50 -9.40
CA GLU A 367 -4.93 22.77 -9.60
C GLU A 367 -4.68 23.75 -8.46
N GLY A 368 -3.86 23.36 -7.48
CA GLY A 368 -3.60 24.28 -6.38
C GLY A 368 -4.73 24.47 -5.40
N ARG A 369 -5.60 23.47 -5.22
CA ARG A 369 -6.76 23.59 -4.35
C ARG A 369 -6.95 22.36 -3.47
N PHE A 370 -5.81 21.74 -3.17
CA PHE A 370 -5.84 20.55 -2.31
C PHE A 370 -6.26 20.88 -0.90
N SER A 371 -5.80 22.03 -0.41
CA SER A 371 -6.18 22.35 0.98
C SER A 371 -7.69 22.52 1.09
N GLN A 372 -8.29 23.17 0.10
CA GLN A 372 -9.75 23.31 0.12
C GLN A 372 -10.38 21.94 -0.09
N PHE A 373 -9.86 21.08 -0.95
CA PHE A 373 -10.45 19.74 -1.08
C PHE A 373 -10.42 18.98 0.24
N ALA A 374 -9.30 19.02 0.93
CA ALA A 374 -9.14 18.29 2.20
C ALA A 374 -10.20 18.74 3.21
N GLN A 375 -10.39 20.07 3.27
CA GLN A 375 -11.41 20.63 4.14
C GLN A 375 -12.83 20.27 3.70
N ASP A 376 -13.22 20.40 2.45
CA ASP A 376 -14.55 20.00 1.98
C ASP A 376 -14.75 18.51 2.21
N PHE A 377 -13.71 17.71 1.91
CA PHE A 377 -13.85 16.27 2.07
C PHE A 377 -14.23 15.91 3.50
N ARG A 378 -13.45 16.43 4.45
CA ARG A 378 -13.70 16.14 5.86
C ARG A 378 -15.06 16.61 6.36
N ALA A 379 -15.43 17.80 5.94
CA ALA A 379 -16.71 18.36 6.40
C ALA A 379 -17.83 17.42 5.98
N ARG A 380 -17.80 16.97 4.72
CA ARG A 380 -18.88 16.09 4.26
C ARG A 380 -18.77 14.67 4.80
N TYR A 381 -17.55 14.13 4.82
CA TYR A 381 -17.34 12.74 5.20
C TYR A 381 -17.75 12.52 6.66
N PHE A 382 -17.47 13.51 7.51
CA PHE A 382 -17.79 13.39 8.93
C PHE A 382 -19.05 14.15 9.32
ZN ZN B . -19.52 2.72 -6.72
N1 AEK C . -0.64 -1.23 9.42
N3 AEK C . 0.95 -3.86 3.97
C4 AEK C . 3.16 -3.04 6.98
C5 AEK C . 2.56 -3.93 5.89
C6 AEK C . 1.84 -3.06 4.83
C7 AEK C . 1.52 -5.13 3.46
C8 AEK C . 0.41 -5.98 2.74
C10 AEK C . -0.12 -8.24 2.02
C13 AEK C . 4.52 -2.80 7.17
C15 AEK C . 6.49 -1.74 8.27
C17 AEK C . 4.13 -1.23 9.02
C1 AEK C . -1.85 -1.80 8.82
C2 AEK C . 0.59 -1.53 8.95
N2 AEK C . 0.94 -2.36 7.95
C3 AEK C . 2.31 -2.35 7.87
C9 AEK C . 1.02 -7.22 2.02
C11 AEK C . -1.02 -7.95 3.23
C12 AEK C . -0.55 -6.59 3.81
N4 AEK C . 5.41 -3.43 6.35
C14 AEK C . 6.69 -3.25 6.48
N5 AEK C . 7.27 -2.44 7.39
O1 AEK C . 6.98 -0.99 9.10
C16 AEK C . 5.01 -1.92 8.16
C18 AEK C . 2.78 -1.49 8.83
N6 AEK C . 1.72 -1.01 9.48
C1 GOL D . -5.56 -5.55 -16.70
O1 GOL D . -5.53 -6.99 -16.64
C2 GOL D . -4.19 -5.00 -17.11
O2 GOL D . -3.94 -3.63 -17.34
C3 GOL D . -3.01 -5.80 -16.50
O3 GOL D . -3.20 -7.15 -17.00
C1 GOL E . -15.31 15.20 -1.32
O1 GOL E . -16.52 15.55 -0.60
C2 GOL E . -15.80 14.92 -2.77
O2 GOL E . -15.18 15.89 -3.64
C3 GOL E . -17.35 15.06 -2.80
O3 GOL E . -17.77 14.95 -4.18
#